data_7KX6
#
_entry.id   7KX6
#
_cell.length_a   66.180
_cell.length_b   63.330
_cell.length_c   152.491
_cell.angle_alpha   90.000
_cell.angle_beta   100.470
_cell.angle_gamma   90.000
#
_symmetry.space_group_name_H-M   'I 1 2 1'
#
loop_
_entity.id
_entity.type
_entity.pdbx_description
1 polymer 'Serine/threonine-protein kinase DCLK1'
2 non-polymer 2-{[2-methoxy-4-(4-methylpiperazin-1-yl)phenyl]amino}-5,11-dimethyl-5,11-dihydro-6H-pyrimido[4,5-b][1,4]benzodiazepin-6-one
3 water water
#
_entity_poly.entity_id   1
_entity_poly.type   'polypeptide(L)'
_entity_poly.pdbx_seq_one_letter_code
;GSGEEVSEEGFQIPATITERYKVGRTIGDGNFAVVKECVERSTAREYALKIIKKSKCRGKEHMIQNEVSILRRVKHPNIV
LLIEEMDVPTELYLVMELVKGGDLFDAITSTNKYTERDASGMLYNLASAIKYLHSLNIVHRDIKPENLLVYEHQDGSKSL
KLGDFGLATIVDGPLYTVCGTPTYVAPEIIAETGYGLKVDIWAAGVITYILLCGFPPFRGSGDDQEVLFDQILMGQVDFP
SPYWDNVSDSAKELITMMLLVDVDQRFSAVQVLEHPWVND
;
_entity_poly.pdbx_strand_id   A,B
#
# COMPACT_ATOMS: atom_id res chain seq x y z
N GLN A 12 0.39 -4.63 -17.17
CA GLN A 12 -1.00 -4.19 -17.23
C GLN A 12 -1.08 -2.71 -17.56
N ILE A 13 -0.12 -2.25 -18.36
CA ILE A 13 0.20 -0.83 -18.51
C ILE A 13 -0.50 -0.23 -19.72
N PRO A 14 -1.07 0.99 -19.62
CA PRO A 14 -1.86 1.55 -20.72
C PRO A 14 -1.06 1.71 -22.00
N ALA A 15 -1.79 1.75 -23.12
CA ALA A 15 -1.16 1.87 -24.43
C ALA A 15 -0.33 3.14 -24.59
N THR A 16 -0.79 4.28 -24.04
CA THR A 16 -0.05 5.54 -24.16
C THR A 16 1.36 5.44 -23.58
N ILE A 17 1.51 4.71 -22.46
CA ILE A 17 2.83 4.56 -21.88
C ILE A 17 3.68 3.64 -22.74
N THR A 18 3.17 2.44 -23.05
CA THR A 18 3.91 1.49 -23.85
C THR A 18 4.13 1.99 -25.28
N GLU A 19 3.22 2.82 -25.79
CA GLU A 19 3.39 3.39 -27.12
C GLU A 19 4.66 4.23 -27.22
N ARG A 20 4.97 4.96 -26.16
CA ARG A 20 6.09 5.89 -26.15
C ARG A 20 7.25 5.48 -25.26
N TYR A 21 7.06 4.48 -24.39
CA TYR A 21 8.12 4.03 -23.50
C TYR A 21 8.26 2.51 -23.51
N LYS A 22 9.51 2.05 -23.50
CA LYS A 22 9.84 0.63 -23.35
C LYS A 22 10.15 0.39 -21.87
N VAL A 23 9.26 -0.32 -21.19
CA VAL A 23 9.34 -0.46 -19.74
C VAL A 23 10.35 -1.56 -19.39
N GLY A 24 11.29 -1.23 -18.50
CA GLY A 24 12.33 -2.16 -18.14
C GLY A 24 12.23 -2.72 -16.72
N ARG A 25 13.40 -2.97 -16.12
CA ARG A 25 13.48 -3.64 -14.83
C ARG A 25 12.96 -2.74 -13.71
N THR A 26 12.56 -3.38 -12.62
CA THR A 26 12.22 -2.68 -11.39
C THR A 26 13.48 -2.21 -10.68
N ILE A 27 13.53 -0.92 -10.34
CA ILE A 27 14.69 -0.35 -9.67
C ILE A 27 14.40 0.10 -8.26
N GLY A 28 13.13 0.09 -7.84
CA GLY A 28 12.75 0.50 -6.50
C GLY A 28 11.43 -0.12 -6.11
N ASP A 29 11.33 -0.61 -4.88
CA ASP A 29 10.14 -1.32 -4.41
C ASP A 29 9.71 -0.85 -3.03
N PHE A 32 3.76 -0.09 -1.36
CA PHE A 32 2.96 1.10 -1.64
C PHE A 32 3.07 1.50 -3.10
N ALA A 33 4.27 1.37 -3.66
CA ALA A 33 4.53 1.77 -5.03
C ALA A 33 5.71 0.98 -5.58
N VAL A 34 5.87 1.01 -6.89
CA VAL A 34 7.01 0.42 -7.56
C VAL A 34 7.55 1.41 -8.58
N VAL A 35 8.88 1.46 -8.72
CA VAL A 35 9.54 2.33 -9.69
C VAL A 35 10.26 1.45 -10.69
N LYS A 36 10.13 1.77 -11.97
CA LYS A 36 10.74 0.98 -13.03
C LYS A 36 11.57 1.86 -13.95
N GLU A 37 12.61 1.26 -14.53
CA GLU A 37 13.35 1.91 -15.60
C GLU A 37 12.55 1.82 -16.90
N CYS A 38 12.67 2.84 -17.72
CA CYS A 38 12.07 2.81 -19.05
C CYS A 38 12.86 3.70 -19.97
N VAL A 39 12.67 3.46 -21.27
CA VAL A 39 13.33 4.22 -22.32
C VAL A 39 12.26 4.91 -23.15
N GLU A 40 12.41 6.21 -23.36
CA GLU A 40 11.52 6.93 -24.26
C GLU A 40 11.87 6.54 -25.68
N ARG A 41 10.92 5.94 -26.39
CA ARG A 41 11.22 5.33 -27.69
C ARG A 41 11.73 6.35 -28.69
N SER A 42 11.12 7.53 -28.74
CA SER A 42 11.46 8.52 -29.76
C SER A 42 12.90 9.00 -29.63
N THR A 43 13.41 9.10 -28.39
CA THR A 43 14.74 9.67 -28.16
C THR A 43 15.76 8.68 -27.63
N ALA A 44 15.34 7.49 -27.18
CA ALA A 44 16.19 6.51 -26.53
C ALA A 44 16.72 7.01 -25.19
N ARG A 45 16.21 8.14 -24.68
CA ARG A 45 16.59 8.64 -23.38
C ARG A 45 15.86 7.87 -22.28
N GLU A 46 16.56 7.62 -21.18
CA GLU A 46 16.04 6.79 -20.11
C GLU A 46 15.25 7.63 -19.11
N TYR A 47 14.14 7.06 -18.61
CA TYR A 47 13.29 7.72 -17.64
C TYR A 47 12.90 6.71 -16.56
N ALA A 48 12.15 7.18 -15.57
CA ALA A 48 11.62 6.33 -14.51
C ALA A 48 10.10 6.31 -14.57
N LEU A 49 9.52 5.13 -14.40
CA LEU A 49 8.07 4.96 -14.32
C LEU A 49 7.71 4.48 -12.92
N LYS A 50 6.99 5.33 -12.18
CA LYS A 50 6.53 4.98 -10.84
C LYS A 50 5.06 4.57 -10.92
N ILE A 51 4.75 3.39 -10.41
CA ILE A 51 3.41 2.81 -10.47
C ILE A 51 2.86 2.72 -9.06
N ILE A 52 1.78 3.45 -8.79
CA ILE A 52 1.15 3.49 -7.48
C ILE A 52 -0.20 2.78 -7.57
N LYS A 53 -0.35 1.72 -6.79
CA LYS A 53 -1.59 0.96 -6.80
C LYS A 53 -2.68 1.72 -6.06
N LYS A 54 -3.92 1.60 -6.53
CA LYS A 54 -5.04 2.29 -5.91
C LYS A 54 -5.89 1.32 -5.11
N SER A 55 -6.53 1.85 -4.07
CA SER A 55 -7.46 1.14 -3.21
C SER A 55 -8.90 1.31 -3.73
N LYS A 56 -9.78 0.45 -3.24
CA LYS A 56 -11.20 0.55 -3.58
C LYS A 56 -11.84 1.72 -2.88
N HIS A 62 -6.48 9.73 -1.34
CA HIS A 62 -6.23 10.96 -0.60
C HIS A 62 -4.75 11.12 -0.30
N MET A 63 -4.07 9.99 -0.12
CA MET A 63 -2.62 10.02 0.04
C MET A 63 -1.93 10.11 -1.31
N ILE A 64 -2.53 9.54 -2.35
CA ILE A 64 -2.01 9.70 -3.71
C ILE A 64 -2.31 11.10 -4.24
N GLN A 65 -3.54 11.59 -4.01
CA GLN A 65 -3.87 12.95 -4.45
C GLN A 65 -2.93 13.97 -3.85
N ASN A 66 -2.54 13.77 -2.59
CA ASN A 66 -1.66 14.73 -1.93
C ASN A 66 -0.27 14.75 -2.57
N GLU A 67 0.30 13.57 -2.84
CA GLU A 67 1.65 13.52 -3.37
C GLU A 67 1.74 14.07 -4.80
N VAL A 68 0.72 13.80 -5.62
CA VAL A 68 0.76 14.33 -6.98
C VAL A 68 0.59 15.85 -6.97
N SER A 69 -0.25 16.35 -6.06
CA SER A 69 -0.41 17.80 -5.93
C SER A 69 0.89 18.46 -5.52
N ILE A 70 1.69 17.77 -4.69
CA ILE A 70 3.01 18.28 -4.35
C ILE A 70 3.95 18.16 -5.55
N LEU A 71 3.96 16.98 -6.18
CA LEU A 71 4.90 16.75 -7.28
C LEU A 71 4.62 17.70 -8.45
N ARG A 72 3.38 18.16 -8.59
CA ARG A 72 3.06 19.13 -9.64
C ARG A 72 3.67 20.49 -9.36
N ARG A 73 3.78 20.87 -8.09
CA ARG A 73 4.27 22.19 -7.73
C ARG A 73 5.78 22.26 -7.61
N VAL A 74 6.48 21.14 -7.44
CA VAL A 74 7.89 21.18 -7.11
C VAL A 74 8.67 20.97 -8.40
N LYS A 75 9.46 21.97 -8.77
CA LYS A 75 10.36 21.89 -9.91
C LYS A 75 11.66 22.53 -9.47
N HIS A 76 12.69 21.71 -9.27
CA HIS A 76 13.95 22.19 -8.74
C HIS A 76 15.04 21.25 -9.19
N PRO A 77 16.24 21.75 -9.50
CA PRO A 77 17.29 20.87 -10.03
C PRO A 77 17.73 19.80 -9.05
N ASN A 78 17.44 19.93 -7.75
CA ASN A 78 17.81 18.94 -6.75
C ASN A 78 16.60 18.17 -6.21
N ILE A 79 15.48 18.19 -6.94
CA ILE A 79 14.30 17.41 -6.62
C ILE A 79 13.91 16.59 -7.84
N VAL A 80 13.64 15.30 -7.62
CA VAL A 80 13.27 14.39 -8.72
C VAL A 80 12.03 14.92 -9.43
N LEU A 81 12.16 15.16 -10.73
CA LEU A 81 11.11 15.82 -11.50
C LEU A 81 10.03 14.84 -11.96
N LEU A 82 8.78 15.29 -11.85
CA LEU A 82 7.64 14.57 -12.40
C LEU A 82 7.39 15.06 -13.82
N ILE A 83 7.38 14.14 -14.78
CA ILE A 83 7.20 14.52 -16.19
C ILE A 83 5.73 14.56 -16.56
N GLU A 84 5.00 13.47 -16.34
CA GLU A 84 3.58 13.42 -16.69
C GLU A 84 2.91 12.27 -15.94
N GLU A 85 1.59 12.34 -15.90
CA GLU A 85 0.76 11.36 -15.19
C GLU A 85 -0.20 10.68 -16.16
N MET A 86 -0.31 9.36 -16.03
CA MET A 86 -1.33 8.59 -16.75
C MET A 86 -2.14 7.84 -15.70
N ASP A 87 -3.41 8.19 -15.57
CA ASP A 87 -4.29 7.63 -14.54
C ASP A 87 -5.29 6.67 -15.17
N VAL A 88 -5.39 5.48 -14.58
CA VAL A 88 -6.35 4.46 -14.97
C VAL A 88 -7.05 4.05 -13.67
N PRO A 89 -8.12 3.23 -13.70
CA PRO A 89 -8.81 2.94 -12.43
C PRO A 89 -7.96 2.20 -11.41
N THR A 90 -7.17 1.21 -11.84
CA THR A 90 -6.48 0.37 -10.86
C THR A 90 -5.17 0.99 -10.32
N GLU A 91 -4.38 1.69 -11.15
CA GLU A 91 -3.15 2.36 -10.67
C GLU A 91 -3.01 3.75 -11.28
N LEU A 92 -2.04 4.49 -10.74
CA LEU A 92 -1.60 5.76 -11.25
C LEU A 92 -0.16 5.65 -11.74
N TYR A 93 0.08 6.09 -12.96
CA TYR A 93 1.39 6.00 -13.59
C TYR A 93 2.04 7.38 -13.62
N LEU A 94 3.24 7.47 -13.09
CA LEU A 94 4.00 8.72 -13.06
C LEU A 94 5.28 8.52 -13.84
N VAL A 95 5.45 9.29 -14.92
CA VAL A 95 6.70 9.33 -15.65
C VAL A 95 7.59 10.35 -14.96
N MET A 96 8.74 9.90 -14.46
CA MET A 96 9.57 10.73 -13.61
C MET A 96 11.01 10.69 -14.11
N GLU A 97 11.78 11.66 -13.63
CA GLU A 97 13.20 11.71 -13.93
C GLU A 97 13.89 10.48 -13.36
N LEU A 98 14.82 9.92 -14.13
CA LEU A 98 15.65 8.81 -13.68
C LEU A 98 17.01 9.35 -13.25
N VAL A 99 17.42 9.01 -12.03
CA VAL A 99 18.74 9.34 -11.54
C VAL A 99 19.55 8.05 -11.56
N LYS A 100 20.58 8.00 -12.40
CA LYS A 100 21.23 6.73 -12.71
C LYS A 100 22.28 6.35 -11.67
N GLY A 101 22.57 7.23 -10.71
CA GLY A 101 23.51 6.89 -9.67
C GLY A 101 22.98 5.86 -8.70
N GLY A 102 21.69 5.92 -8.39
CA GLY A 102 21.13 5.14 -7.32
C GLY A 102 20.93 5.95 -6.06
N ASP A 103 20.33 5.32 -5.06
CA ASP A 103 20.01 6.07 -3.85
C ASP A 103 21.26 6.25 -2.99
N LEU A 104 21.22 7.27 -2.13
CA LEU A 104 22.36 7.56 -1.26
C LEU A 104 22.61 6.42 -0.27
N PHE A 105 21.58 5.68 0.11
CA PHE A 105 21.76 4.58 1.06
C PHE A 105 22.74 3.55 0.52
N ASP A 106 22.56 3.15 -0.74
CA ASP A 106 23.47 2.19 -1.36
C ASP A 106 24.87 2.76 -1.48
N ALA A 107 24.98 4.05 -1.78
CA ALA A 107 26.29 4.68 -1.90
C ALA A 107 27.02 4.73 -0.55
N ILE A 108 26.28 4.97 0.53
CA ILE A 108 26.89 5.00 1.86
C ILE A 108 27.31 3.60 2.29
N THR A 109 26.58 2.57 1.87
CA THR A 109 26.93 1.19 2.21
C THR A 109 28.24 0.79 1.55
N SER A 110 28.46 1.22 0.31
CA SER A 110 29.65 0.84 -0.44
C SER A 110 30.90 1.61 0.00
N THR A 111 30.75 2.89 0.36
CA THR A 111 31.90 3.77 0.55
C THR A 111 32.31 3.99 2.01
N ASN A 112 31.44 3.66 2.97
CA ASN A 112 31.70 3.82 4.41
C ASN A 112 31.58 5.28 4.83
N LYS A 113 32.41 6.17 4.29
CA LYS A 113 32.32 7.58 4.64
C LYS A 113 32.86 8.44 3.51
N TYR A 114 32.62 9.75 3.62
CA TYR A 114 32.98 10.72 2.60
C TYR A 114 33.96 11.75 3.16
N THR A 115 34.63 12.44 2.25
CA THR A 115 35.45 13.58 2.63
C THR A 115 34.54 14.76 3.00
N GLU A 116 35.12 15.74 3.66
CA GLU A 116 34.35 16.94 3.98
C GLU A 116 33.94 17.70 2.73
N ARG A 117 34.80 17.70 1.69
CA ARG A 117 34.45 18.39 0.46
C ARG A 117 33.25 17.72 -0.22
N ASP A 118 33.25 16.38 -0.29
CA ASP A 118 32.14 15.66 -0.90
C ASP A 118 30.88 15.80 -0.06
N ALA A 119 31.00 15.61 1.25
CA ALA A 119 29.83 15.71 2.12
C ALA A 119 29.24 17.12 2.11
N SER A 120 30.11 18.14 2.07
CA SER A 120 29.61 19.51 2.07
C SER A 120 28.88 19.85 0.78
N GLY A 121 29.39 19.36 -0.36
CA GLY A 121 28.70 19.60 -1.61
C GLY A 121 27.36 18.89 -1.66
N MET A 122 27.29 17.70 -1.08
CA MET A 122 26.03 16.97 -1.01
C MET A 122 25.04 17.67 -0.10
N LEU A 123 25.50 18.19 1.04
CA LEU A 123 24.61 18.96 1.91
C LEU A 123 24.14 20.24 1.22
N TYR A 124 24.98 20.85 0.39
CA TYR A 124 24.54 22.03 -0.34
C TYR A 124 23.36 21.70 -1.24
N ASN A 125 23.39 20.54 -1.89
CA ASN A 125 22.28 20.12 -2.73
C ASN A 125 21.02 19.85 -1.91
N LEU A 126 21.17 19.11 -0.81
CA LEU A 126 20.03 18.80 0.05
C LEU A 126 19.43 20.08 0.62
N ALA A 127 20.28 20.96 1.14
CA ALA A 127 19.79 22.21 1.72
C ALA A 127 19.15 23.12 0.68
N SER A 128 19.62 23.07 -0.58
CA SER A 128 18.98 23.85 -1.63
C SER A 128 17.56 23.35 -1.88
N ALA A 129 17.39 22.03 -1.98
CA ALA A 129 16.06 21.45 -2.17
C ALA A 129 15.16 21.74 -0.98
N ILE A 130 15.69 21.63 0.24
CA ILE A 130 14.89 21.90 1.43
C ILE A 130 14.50 23.36 1.49
N LYS A 131 15.44 24.26 1.19
CA LYS A 131 15.14 25.68 1.17
C LYS A 131 14.02 25.99 0.19
N TYR A 132 14.07 25.38 -1.00
CA TYR A 132 13.00 25.56 -1.96
C TYR A 132 11.68 25.03 -1.44
N LEU A 133 11.70 23.82 -0.87
CA LEU A 133 10.47 23.24 -0.33
C LEU A 133 9.90 24.10 0.79
N HIS A 134 10.75 24.54 1.73
CA HIS A 134 10.27 25.35 2.84
C HIS A 134 9.77 26.71 2.36
N SER A 135 10.29 27.21 1.24
CA SER A 135 9.75 28.45 0.68
C SER A 135 8.33 28.27 0.19
N LEU A 136 7.94 27.03 -0.14
CA LEU A 136 6.56 26.70 -0.47
C LEU A 136 5.77 26.22 0.74
N ASN A 137 6.36 26.27 1.93
CA ASN A 137 5.74 25.77 3.16
C ASN A 137 5.45 24.28 3.08
N ILE A 138 6.26 23.55 2.34
CA ILE A 138 6.15 22.10 2.25
C ILE A 138 7.22 21.49 3.14
N VAL A 139 6.80 20.60 4.04
CA VAL A 139 7.72 19.80 4.83
C VAL A 139 7.77 18.42 4.20
N HIS A 140 8.98 17.89 4.02
CA HIS A 140 9.13 16.60 3.37
C HIS A 140 8.73 15.46 4.30
N ARG A 141 9.27 15.47 5.52
CA ARG A 141 8.99 14.52 6.60
C ARG A 141 9.57 13.13 6.36
N ASP A 142 10.32 12.92 5.28
CA ASP A 142 10.90 11.60 5.01
C ASP A 142 12.27 11.74 4.37
N ILE A 143 13.03 12.75 4.79
CA ILE A 143 14.37 12.98 4.25
C ILE A 143 15.30 11.95 4.87
N LYS A 144 15.83 11.05 4.05
CA LYS A 144 16.73 9.99 4.48
C LYS A 144 17.51 9.50 3.27
N PRO A 145 18.63 8.81 3.48
CA PRO A 145 19.48 8.42 2.34
C PRO A 145 18.75 7.58 1.30
N GLU A 146 17.76 6.79 1.70
CA GLU A 146 16.99 6.01 0.75
C GLU A 146 16.18 6.88 -0.20
N ASN A 147 15.85 8.11 0.19
CA ASN A 147 15.07 9.03 -0.64
C ASN A 147 15.94 10.09 -1.29
N LEU A 148 17.26 9.94 -1.24
CA LEU A 148 18.17 10.83 -1.94
C LEU A 148 18.86 10.04 -3.04
N LEU A 149 19.01 10.67 -4.21
CA LEU A 149 19.57 10.00 -5.37
C LEU A 149 20.83 10.72 -5.83
N VAL A 150 21.87 9.95 -6.13
CA VAL A 150 23.16 10.51 -6.52
C VAL A 150 23.17 10.70 -8.04
N TYR A 151 23.49 11.92 -8.48
CA TYR A 151 23.45 12.28 -9.89
C TYR A 151 24.86 12.34 -10.46
N GLU A 152 25.07 11.68 -11.60
CA GLU A 152 26.37 11.67 -12.27
C GLU A 152 26.41 12.79 -13.31
N HIS A 153 27.37 13.71 -13.15
CA HIS A 153 27.53 14.83 -14.06
C HIS A 153 28.46 14.46 -15.21
N GLN A 154 28.54 15.36 -16.19
CA GLN A 154 29.60 15.27 -17.20
C GLN A 154 30.96 15.53 -16.57
N ASP A 155 31.00 16.43 -15.57
CA ASP A 155 32.26 16.74 -14.89
C ASP A 155 32.81 15.55 -14.12
N GLY A 156 31.99 14.54 -13.86
CA GLY A 156 32.31 13.53 -12.89
C GLY A 156 31.90 13.88 -11.46
N SER A 157 31.66 15.17 -11.19
CA SER A 157 31.12 15.59 -9.90
C SER A 157 29.71 15.02 -9.73
N LYS A 158 29.31 14.84 -8.47
CA LYS A 158 28.03 14.21 -8.16
C LYS A 158 27.19 15.11 -7.27
N SER A 159 25.92 15.23 -7.63
CA SER A 159 24.92 15.98 -6.88
C SER A 159 23.94 15.03 -6.21
N LEU A 160 23.03 15.60 -5.43
CA LEU A 160 21.98 14.83 -4.77
C LEU A 160 20.64 15.36 -5.20
N LYS A 161 19.67 14.45 -5.37
CA LYS A 161 18.29 14.81 -5.67
C LYS A 161 17.36 14.16 -4.67
N LEU A 162 16.42 14.94 -4.15
CA LEU A 162 15.45 14.47 -3.17
C LEU A 162 14.19 13.99 -3.88
N GLY A 163 13.70 12.81 -3.51
CA GLY A 163 12.47 12.28 -4.06
C GLY A 163 11.49 11.74 -3.03
N ASP A 164 10.43 11.11 -3.51
CA ASP A 164 9.40 10.46 -2.69
C ASP A 164 8.71 11.44 -1.76
N PHE A 165 7.69 12.13 -2.27
CA PHE A 165 6.94 13.10 -1.48
C PHE A 165 5.66 12.51 -0.90
N GLY A 166 5.64 11.19 -0.72
CA GLY A 166 4.45 10.52 -0.19
C GLY A 166 4.05 10.98 1.19
N LEU A 167 5.00 11.42 2.00
CA LEU A 167 4.72 11.92 3.34
C LEU A 167 4.73 13.44 3.42
N ALA A 168 5.04 14.13 2.32
CA ALA A 168 5.13 15.57 2.33
C ALA A 168 3.75 16.20 2.54
N THR A 169 3.74 17.35 3.22
CA THR A 169 2.49 18.07 3.44
C THR A 169 2.81 19.54 3.67
N ILE A 170 1.80 20.37 3.49
CA ILE A 170 1.92 21.81 3.68
C ILE A 170 1.67 22.14 5.15
N VAL A 171 2.53 22.98 5.72
CA VAL A 171 2.46 23.34 7.13
C VAL A 171 1.61 24.59 7.25
N ASP A 172 0.37 24.42 7.70
CA ASP A 172 -0.53 25.52 8.00
C ASP A 172 -0.82 25.60 9.49
N GLY A 173 0.19 25.27 10.28
CA GLY A 173 0.03 25.13 11.71
C GLY A 173 0.82 23.93 12.17
N PRO A 174 0.94 23.74 13.48
CA PRO A 174 1.78 22.65 13.98
C PRO A 174 1.23 21.29 13.57
N LEU A 175 2.13 20.39 13.23
CA LEU A 175 1.78 19.01 12.90
C LEU A 175 2.05 18.14 14.11
N TYR A 176 1.33 17.02 14.19
CA TYR A 176 1.47 16.10 15.32
C TYR A 176 1.59 14.65 14.92
N THR A 177 1.34 14.30 13.66
CA THR A 177 1.39 12.92 13.25
C THR A 177 2.83 12.43 13.26
N VAL A 178 3.06 11.30 13.95
CA VAL A 178 4.39 10.72 14.02
C VAL A 178 4.66 9.95 12.73
N CYS A 179 5.77 10.28 12.06
CA CYS A 179 6.15 9.56 10.84
C CYS A 179 7.63 9.79 10.58
N GLY A 180 8.13 9.08 9.58
CA GLY A 180 9.53 9.08 9.25
C GLY A 180 10.27 7.92 9.90
N THR A 181 11.48 7.70 9.42
CA THR A 181 12.33 6.64 9.95
C THR A 181 13.02 7.11 11.23
N PRO A 182 12.96 6.35 12.32
CA PRO A 182 13.38 6.87 13.64
C PRO A 182 14.79 7.43 13.69
N THR A 183 15.74 6.87 12.92
CA THR A 183 17.10 7.39 12.94
C THR A 183 17.15 8.88 12.59
N TYR A 184 16.25 9.34 11.74
CA TYR A 184 16.25 10.70 11.24
C TYR A 184 15.14 11.56 11.83
N VAL A 185 14.32 11.02 12.72
CA VAL A 185 13.16 11.73 13.26
C VAL A 185 13.60 12.75 14.30
N ALA A 186 13.09 13.97 14.17
CA ALA A 186 13.40 15.05 15.09
C ALA A 186 12.73 14.83 16.45
N PRO A 187 13.31 15.37 17.54
CA PRO A 187 12.74 15.10 18.87
C PRO A 187 11.35 15.67 19.09
N GLU A 188 11.00 16.78 18.43
CA GLU A 188 9.65 17.31 18.59
C GLU A 188 8.59 16.37 18.02
N ILE A 189 8.95 15.58 17.01
CA ILE A 189 8.02 14.59 16.48
C ILE A 189 7.77 13.50 17.52
N ILE A 190 8.83 13.03 18.18
CA ILE A 190 8.69 12.00 19.20
C ILE A 190 7.90 12.52 20.40
N ALA A 191 8.15 13.76 20.79
CA ALA A 191 7.44 14.34 21.94
C ALA A 191 5.96 14.56 21.66
N GLU A 192 5.56 14.61 20.39
CA GLU A 192 4.17 14.83 19.98
C GLU A 192 3.63 16.16 20.50
N THR A 193 4.49 17.17 20.60
CA THR A 193 4.08 18.50 21.04
C THR A 193 3.89 19.48 19.88
N GLY A 194 4.03 19.04 18.64
CA GLY A 194 3.87 19.92 17.51
C GLY A 194 5.20 20.16 16.80
N TYR A 195 5.17 20.12 15.47
CA TYR A 195 6.37 20.27 14.68
C TYR A 195 6.05 20.93 13.35
N GLY A 196 7.10 21.48 12.72
CA GLY A 196 6.95 22.15 11.45
C GLY A 196 8.04 21.83 10.45
N LEU A 197 8.43 22.81 9.64
CA LEU A 197 9.37 22.57 8.55
C LEU A 197 10.72 22.09 9.04
N LYS A 198 11.16 22.54 10.21
CA LYS A 198 12.54 22.31 10.63
C LYS A 198 12.85 20.86 10.98
N VAL A 199 11.87 19.96 10.93
CA VAL A 199 12.20 18.54 11.08
C VAL A 199 13.02 18.07 9.88
N ASP A 200 12.87 18.73 8.74
CA ASP A 200 13.70 18.42 7.58
C ASP A 200 15.17 18.76 7.85
N ILE A 201 15.43 19.88 8.54
CA ILE A 201 16.79 20.27 8.85
C ILE A 201 17.45 19.24 9.77
N TRP A 202 16.73 18.78 10.79
CA TRP A 202 17.25 17.77 11.69
C TRP A 202 17.63 16.51 10.94
N ALA A 203 16.76 16.06 10.03
CA ALA A 203 17.06 14.88 9.23
C ALA A 203 18.30 15.09 8.37
N ALA A 204 18.44 16.29 7.80
CA ALA A 204 19.63 16.62 7.03
C ALA A 204 20.88 16.63 7.91
N GLY A 205 20.74 17.09 9.15
CA GLY A 205 21.86 17.05 10.08
C GLY A 205 22.30 15.63 10.41
N VAL A 206 21.34 14.73 10.62
CA VAL A 206 21.67 13.34 10.88
C VAL A 206 22.38 12.72 9.69
N ILE A 207 21.92 13.05 8.48
CA ILE A 207 22.52 12.49 7.26
C ILE A 207 23.94 13.00 7.09
N THR A 208 24.13 14.32 7.22
CA THR A 208 25.48 14.90 7.12
C THR A 208 26.42 14.24 8.12
N TYR A 209 25.96 14.02 9.35
CA TYR A 209 26.75 13.33 10.36
C TYR A 209 27.14 11.93 9.88
N ILE A 210 26.20 11.21 9.25
CA ILE A 210 26.50 9.88 8.73
C ILE A 210 27.53 9.97 7.61
N LEU A 211 27.44 10.99 6.76
CA LEU A 211 28.39 11.14 5.66
C LEU A 211 29.81 11.33 6.16
N LEU A 212 29.99 12.09 7.25
CA LEU A 212 31.32 12.43 7.72
C LEU A 212 31.99 11.32 8.52
N CYS A 213 31.23 10.40 9.11
CA CYS A 213 31.82 9.34 9.93
C CYS A 213 31.27 7.94 9.67
N GLY A 214 30.12 7.80 9.01
CA GLY A 214 29.62 6.49 8.68
C GLY A 214 28.69 5.85 9.69
N PHE A 215 28.34 6.55 10.78
CA PHE A 215 27.39 6.01 11.73
C PHE A 215 26.47 7.11 12.23
N PRO A 216 25.26 6.77 12.68
CA PRO A 216 24.30 7.82 13.05
C PRO A 216 24.66 8.44 14.38
N PRO A 217 24.25 9.69 14.61
CA PRO A 217 24.56 10.32 15.90
C PRO A 217 23.77 9.73 17.06
N PHE A 218 22.58 9.22 16.80
CA PHE A 218 21.74 8.57 17.81
C PHE A 218 21.49 7.15 17.32
N ARG A 219 22.00 6.16 18.07
CA ARG A 219 21.98 4.79 17.62
C ARG A 219 21.18 3.83 18.51
N GLY A 220 20.93 4.18 19.77
CA GLY A 220 20.08 3.32 20.57
C GLY A 220 20.69 1.94 20.83
N SER A 221 19.78 0.99 21.10
CA SER A 221 20.18 -0.39 21.38
C SER A 221 19.86 -1.32 20.21
N GLN A 225 13.85 -0.07 21.27
CA GLN A 225 13.53 1.06 20.41
C GLN A 225 13.25 2.31 21.25
N GLU A 226 13.00 2.11 22.54
CA GLU A 226 12.83 3.25 23.44
C GLU A 226 14.16 3.91 23.77
N VAL A 227 15.28 3.19 23.67
CA VAL A 227 16.59 3.80 23.88
C VAL A 227 16.86 4.86 22.81
N LEU A 228 16.58 4.52 21.54
CA LEU A 228 16.83 5.47 20.47
C LEU A 228 16.00 6.72 20.63
N PHE A 229 14.73 6.57 21.01
CA PHE A 229 13.87 7.75 21.15
C PHE A 229 14.32 8.62 22.31
N ASP A 230 14.70 8.02 23.43
CA ASP A 230 15.15 8.81 24.57
C ASP A 230 16.46 9.53 24.26
N GLN A 231 17.33 8.92 23.44
CA GLN A 231 18.56 9.61 23.04
C GLN A 231 18.26 10.79 22.12
N ILE A 232 17.32 10.63 21.19
CA ILE A 232 16.95 11.75 20.32
C ILE A 232 16.34 12.89 21.15
N LEU A 233 15.47 12.54 22.12
CA LEU A 233 14.85 13.58 22.95
C LEU A 233 15.90 14.33 23.75
N MET A 234 16.92 13.62 24.25
CA MET A 234 18.02 14.30 24.92
C MET A 234 18.85 15.11 23.93
N GLY A 235 19.01 14.61 22.71
CA GLY A 235 19.65 15.36 21.65
C GLY A 235 21.10 15.71 21.92
N GLN A 236 21.83 14.85 22.61
CA GLN A 236 23.25 15.08 22.88
C GLN A 236 24.05 14.54 21.72
N VAL A 237 24.59 15.43 20.90
CA VAL A 237 25.38 15.06 19.74
C VAL A 237 26.84 15.00 20.16
N ASP A 238 27.45 13.84 20.03
CA ASP A 238 28.85 13.66 20.34
C ASP A 238 29.64 13.38 19.06
N PHE A 239 30.90 13.78 19.06
CA PHE A 239 31.82 13.53 17.94
C PHE A 239 32.94 12.63 18.44
N PRO A 240 32.71 11.31 18.45
CA PRO A 240 33.63 10.40 19.14
C PRO A 240 34.97 10.28 18.44
N SER A 241 36.03 10.11 19.26
CA SER A 241 37.36 9.80 18.79
C SER A 241 37.48 8.29 18.54
N PRO A 242 38.29 7.88 17.56
CA PRO A 242 39.12 8.73 16.70
C PRO A 242 38.42 9.13 15.41
N TYR A 243 37.15 8.74 15.27
CA TYR A 243 36.45 8.89 14.00
C TYR A 243 36.33 10.35 13.59
N TRP A 244 36.19 11.26 14.54
CA TRP A 244 35.97 12.67 14.26
C TRP A 244 37.20 13.53 14.49
N ASP A 245 38.38 12.93 14.70
CA ASP A 245 39.56 13.71 15.05
C ASP A 245 40.05 14.55 13.88
N ASN A 246 39.93 14.07 12.65
CA ASN A 246 40.38 14.80 11.48
C ASN A 246 39.29 15.66 10.87
N VAL A 247 38.06 15.60 11.39
CA VAL A 247 36.97 16.40 10.87
C VAL A 247 37.05 17.80 11.45
N SER A 248 36.83 18.81 10.59
CA SER A 248 37.00 20.20 10.98
C SER A 248 35.99 20.63 12.04
N ASP A 249 36.38 21.65 12.81
CA ASP A 249 35.47 22.26 13.78
C ASP A 249 34.30 22.95 13.10
N SER A 250 34.51 23.45 11.88
CA SER A 250 33.42 24.09 11.15
C SER A 250 32.28 23.11 10.89
N ALA A 251 32.62 21.88 10.49
CA ALA A 251 31.59 20.87 10.24
C ALA A 251 30.87 20.51 11.53
N LYS A 252 31.61 20.37 12.63
CA LYS A 252 30.97 20.00 13.90
C LYS A 252 30.03 21.10 14.38
N GLU A 253 30.39 22.36 14.13
CA GLU A 253 29.51 23.47 14.50
C GLU A 253 28.23 23.44 13.67
N LEU A 254 28.34 23.22 12.36
CA LEU A 254 27.16 23.20 11.50
C LEU A 254 26.22 22.07 11.89
N ILE A 255 26.77 20.86 12.05
CA ILE A 255 25.95 19.72 12.44
C ILE A 255 25.27 19.97 13.78
N THR A 256 26.01 20.57 14.72
CA THR A 256 25.43 20.87 16.03
C THR A 256 24.27 21.84 15.90
N MET A 257 24.40 22.87 15.05
CA MET A 257 23.33 23.83 14.87
C MET A 257 22.14 23.25 14.13
N MET A 258 22.36 22.20 13.33
CA MET A 258 21.25 21.53 12.66
C MET A 258 20.55 20.56 13.59
N LEU A 259 21.24 20.06 14.61
CA LEU A 259 20.69 19.05 15.51
C LEU A 259 20.37 19.62 16.88
N LEU A 260 19.98 20.89 16.95
CA LEU A 260 19.56 21.49 18.21
C LEU A 260 18.13 21.08 18.55
N VAL A 261 17.90 20.70 19.81
CA VAL A 261 16.56 20.36 20.25
C VAL A 261 15.67 21.60 20.21
N ASP A 262 16.22 22.77 20.51
CA ASP A 262 15.47 24.01 20.49
C ASP A 262 15.12 24.36 19.05
N VAL A 263 13.83 24.29 18.72
CA VAL A 263 13.40 24.48 17.34
C VAL A 263 13.67 25.91 16.88
N ASP A 264 13.62 26.88 17.79
CA ASP A 264 13.86 28.26 17.39
C ASP A 264 15.33 28.48 17.03
N GLN A 265 16.25 27.92 17.82
CA GLN A 265 17.67 28.09 17.50
C GLN A 265 18.13 27.21 16.35
N ARG A 266 17.45 26.09 16.11
CA ARG A 266 17.90 25.20 15.04
C ARG A 266 17.93 25.94 13.71
N PHE A 267 18.99 25.70 12.95
CA PHE A 267 19.19 26.40 11.69
C PHE A 267 18.03 26.14 10.74
N SER A 268 17.64 27.19 10.02
CA SER A 268 16.80 26.99 8.86
C SER A 268 17.65 26.54 7.68
N ALA A 269 17.00 26.19 6.58
CA ALA A 269 17.74 25.83 5.38
C ALA A 269 18.56 27.02 4.88
N VAL A 270 18.02 28.23 5.03
CA VAL A 270 18.77 29.43 4.66
C VAL A 270 20.04 29.54 5.50
N GLN A 271 19.91 29.34 6.82
CA GLN A 271 21.08 29.40 7.69
C GLN A 271 22.10 28.30 7.38
N VAL A 272 21.63 27.11 6.99
CA VAL A 272 22.55 26.06 6.58
C VAL A 272 23.33 26.48 5.35
N LEU A 273 22.65 27.09 4.39
CA LEU A 273 23.31 27.50 3.15
C LEU A 273 24.29 28.64 3.39
N GLU A 274 24.02 29.50 4.38
CA GLU A 274 24.92 30.60 4.71
C GLU A 274 26.18 30.14 5.44
N HIS A 275 26.18 28.93 6.00
CA HIS A 275 27.29 28.52 6.84
C HIS A 275 28.56 28.34 6.01
N PRO A 276 29.72 28.74 6.54
CA PRO A 276 30.96 28.64 5.75
C PRO A 276 31.27 27.23 5.26
N TRP A 277 30.90 26.19 6.02
CA TRP A 277 31.27 24.83 5.63
C TRP A 277 30.59 24.41 4.33
N VAL A 278 29.41 24.96 4.04
CA VAL A 278 28.70 24.66 2.80
C VAL A 278 29.16 25.57 1.66
N ASN A 279 29.78 26.70 1.97
CA ASN A 279 30.33 27.62 0.98
C ASN A 279 31.78 27.30 0.65
N ILE B 13 9.21 -9.39 12.22
CA ILE B 13 8.11 -9.90 13.04
C ILE B 13 8.54 -9.90 14.50
N PRO B 14 7.66 -9.39 15.37
CA PRO B 14 8.02 -9.20 16.77
C PRO B 14 8.32 -10.50 17.49
N ALA B 15 9.12 -10.39 18.55
CA ALA B 15 9.41 -11.56 19.38
C ALA B 15 8.15 -12.17 19.98
N THR B 16 7.12 -11.34 20.23
CA THR B 16 5.86 -11.86 20.74
C THR B 16 5.28 -12.97 19.86
N ILE B 17 5.20 -12.77 18.53
CA ILE B 17 4.67 -13.79 17.62
C ILE B 17 5.67 -14.94 17.47
N THR B 18 6.94 -14.61 17.25
CA THR B 18 7.99 -15.61 17.07
C THR B 18 8.12 -16.52 18.29
N GLU B 19 7.80 -16.01 19.48
CA GLU B 19 7.80 -16.87 20.66
C GLU B 19 6.75 -17.96 20.55
N ARG B 20 5.59 -17.63 19.99
CA ARG B 20 4.48 -18.57 20.00
C ARG B 20 4.16 -19.19 18.65
N TYR B 21 4.66 -18.63 17.56
CA TYR B 21 4.42 -19.19 16.23
C TYR B 21 5.74 -19.24 15.48
N LYS B 22 5.97 -20.34 14.77
CA LYS B 22 7.12 -20.45 13.88
C LYS B 22 6.60 -20.15 12.47
N VAL B 23 6.98 -19.00 11.93
CA VAL B 23 6.37 -18.48 10.71
C VAL B 23 7.00 -19.15 9.50
N GLY B 24 6.17 -19.62 8.58
CA GLY B 24 6.63 -20.31 7.40
C GLY B 24 6.51 -19.54 6.09
N ARG B 25 6.24 -20.26 5.00
CA ARG B 25 6.25 -19.68 3.66
C ARG B 25 5.10 -18.70 3.45
N THR B 26 5.30 -17.80 2.49
CA THR B 26 4.23 -16.90 2.05
C THR B 26 3.26 -17.65 1.15
N ILE B 27 1.98 -17.59 1.48
CA ILE B 27 0.95 -18.27 0.71
C ILE B 27 -0.03 -17.33 0.03
N GLY B 28 0.05 -16.03 0.32
CA GLY B 28 -0.84 -15.06 -0.31
C GLY B 28 -0.24 -13.67 -0.27
N ASP B 29 -0.32 -12.96 -1.39
CA ASP B 29 0.32 -11.65 -1.50
C ASP B 29 -0.63 -10.66 -2.16
N GLY B 30 -0.90 -9.56 -1.47
CA GLY B 30 -1.47 -8.38 -2.07
C GLY B 30 -0.58 -7.19 -1.80
N ASN B 31 -0.96 -6.04 -2.37
CA ASN B 31 -0.31 -4.80 -1.99
C ASN B 31 -0.63 -4.45 -0.54
N PHE B 32 -1.81 -4.86 -0.07
CA PHE B 32 -2.30 -4.48 1.24
C PHE B 32 -1.70 -5.33 2.36
N ALA B 33 -1.54 -6.64 2.11
CA ALA B 33 -1.15 -7.55 3.17
C ALA B 33 -0.40 -8.74 2.60
N VAL B 34 0.20 -9.50 3.50
CA VAL B 34 0.87 -10.76 3.18
C VAL B 34 0.31 -11.83 4.12
N VAL B 35 0.10 -13.02 3.59
CA VAL B 35 -0.40 -14.16 4.36
C VAL B 35 0.67 -15.24 4.36
N LYS B 36 0.96 -15.78 5.54
CA LYS B 36 1.99 -16.81 5.69
C LYS B 36 1.43 -18.01 6.45
N GLU B 37 2.01 -19.17 6.17
CA GLU B 37 1.76 -20.36 6.96
C GLU B 37 2.49 -20.25 8.28
N CYS B 38 1.87 -20.76 9.34
CA CYS B 38 2.59 -20.81 10.61
C CYS B 38 2.05 -21.94 11.46
N VAL B 39 2.88 -22.36 12.40
CA VAL B 39 2.55 -23.44 13.34
C VAL B 39 2.62 -22.86 14.75
N GLU B 40 1.56 -23.08 15.52
CA GLU B 40 1.56 -22.72 16.93
C GLU B 40 2.40 -23.75 17.69
N ARG B 41 3.47 -23.28 18.35
CA ARG B 41 4.45 -24.20 18.92
C ARG B 41 3.82 -25.09 19.99
N SER B 42 3.00 -24.52 20.86
CA SER B 42 2.48 -25.29 22.00
C SER B 42 1.64 -26.47 21.56
N THR B 43 0.89 -26.33 20.46
CA THR B 43 -0.03 -27.39 20.01
C THR B 43 0.39 -28.03 18.70
N ALA B 44 1.33 -27.43 17.96
CA ALA B 44 1.77 -27.87 16.64
C ALA B 44 0.67 -27.75 15.58
N ARG B 45 -0.44 -27.11 15.89
CA ARG B 45 -1.51 -26.91 14.92
C ARG B 45 -1.17 -25.79 13.95
N GLU B 46 -1.55 -25.96 12.69
CA GLU B 46 -1.22 -25.01 11.65
C GLU B 46 -2.23 -23.87 11.58
N TYR B 47 -1.72 -22.66 11.35
CA TYR B 47 -2.54 -21.47 11.23
C TYR B 47 -2.01 -20.62 10.09
N ALA B 48 -2.69 -19.50 9.84
CA ALA B 48 -2.26 -18.51 8.88
C ALA B 48 -1.94 -17.21 9.61
N LEU B 49 -0.83 -16.58 9.23
CA LEU B 49 -0.44 -15.29 9.78
C LEU B 49 -0.63 -14.25 8.67
N LYS B 50 -1.55 -13.33 8.89
CA LYS B 50 -1.79 -12.24 7.95
C LYS B 50 -1.09 -11.00 8.48
N ILE B 51 -0.25 -10.41 7.64
CA ILE B 51 0.54 -9.23 8.01
C ILE B 51 0.05 -8.07 7.17
N ILE B 52 -0.49 -7.05 7.82
CA ILE B 52 -1.06 -5.89 7.15
C ILE B 52 -0.11 -4.73 7.38
N LYS B 53 0.44 -4.18 6.29
CA LYS B 53 1.38 -3.08 6.38
C LYS B 53 0.69 -1.75 6.66
N LYS B 54 1.32 -0.94 7.50
CA LYS B 54 0.88 0.40 7.85
C LYS B 54 1.83 1.43 7.26
N SER B 55 1.35 2.66 7.12
CA SER B 55 2.18 3.76 6.65
C SER B 55 2.93 4.40 7.80
N ARG B 58 1.42 7.92 9.22
CA ARG B 58 1.15 7.02 10.33
C ARG B 58 0.25 7.68 11.39
N GLY B 59 -0.98 8.02 11.01
CA GLY B 59 -1.88 8.72 11.91
C GLY B 59 -3.21 8.05 12.12
N LYS B 60 -3.21 6.74 12.34
CA LYS B 60 -4.42 5.98 12.64
C LYS B 60 -4.13 4.97 13.74
N GLU B 61 -3.33 5.37 14.73
CA GLU B 61 -2.88 4.44 15.76
C GLU B 61 -4.04 3.86 16.56
N HIS B 62 -5.14 4.62 16.71
CA HIS B 62 -6.28 4.19 17.51
C HIS B 62 -7.48 3.79 16.67
N MET B 63 -7.31 3.68 15.35
CA MET B 63 -8.37 3.19 14.50
C MET B 63 -8.42 1.66 14.54
N ILE B 64 -9.61 1.11 14.73
CA ILE B 64 -9.81 -0.33 14.62
C ILE B 64 -9.80 -0.69 13.14
N GLN B 65 -8.96 -1.66 12.77
CA GLN B 65 -8.98 -2.15 11.39
C GLN B 65 -10.38 -2.66 11.07
N ASN B 66 -10.86 -2.36 9.85
CA ASN B 66 -12.26 -2.65 9.54
C ASN B 66 -12.54 -4.14 9.56
N GLU B 67 -11.66 -4.96 8.97
CA GLU B 67 -11.91 -6.39 8.95
C GLU B 67 -11.84 -6.98 10.36
N VAL B 68 -10.99 -6.42 11.22
CA VAL B 68 -10.91 -6.93 12.58
C VAL B 68 -12.18 -6.63 13.36
N SER B 69 -12.77 -5.45 13.16
CA SER B 69 -14.01 -5.11 13.84
C SER B 69 -15.16 -6.02 13.40
N ILE B 70 -15.17 -6.41 12.11
CA ILE B 70 -16.18 -7.34 11.63
C ILE B 70 -15.89 -8.76 12.13
N LEU B 71 -14.65 -9.22 11.94
CA LEU B 71 -14.31 -10.61 12.26
C LEU B 71 -14.47 -10.94 13.74
N ARG B 72 -14.48 -9.93 14.62
CA ARG B 72 -14.72 -10.20 16.03
C ARG B 72 -16.12 -10.77 16.25
N ARG B 73 -17.07 -10.38 15.41
CA ARG B 73 -18.45 -10.84 15.53
C ARG B 73 -18.73 -12.15 14.78
N VAL B 74 -17.85 -12.55 13.88
CA VAL B 74 -18.13 -13.61 12.91
C VAL B 74 -17.51 -14.93 13.35
N LYS B 75 -18.35 -15.97 13.45
CA LYS B 75 -17.88 -17.35 13.63
C LYS B 75 -18.78 -18.25 12.79
N HIS B 76 -18.22 -18.83 11.72
CA HIS B 76 -19.01 -19.66 10.81
C HIS B 76 -18.10 -20.65 10.10
N PRO B 77 -18.55 -21.89 9.89
CA PRO B 77 -17.67 -22.91 9.30
C PRO B 77 -17.23 -22.62 7.88
N ASN B 78 -17.91 -21.73 7.17
CA ASN B 78 -17.55 -21.36 5.80
C ASN B 78 -16.98 -19.95 5.71
N ILE B 79 -16.52 -19.39 6.83
CA ILE B 79 -15.84 -18.11 6.85
C ILE B 79 -14.50 -18.29 7.54
N VAL B 80 -13.43 -17.80 6.92
CA VAL B 80 -12.10 -17.90 7.50
C VAL B 80 -12.09 -17.19 8.86
N LEU B 81 -11.78 -17.94 9.91
CA LEU B 81 -11.90 -17.46 11.28
C LEU B 81 -10.67 -16.68 11.72
N LEU B 82 -10.90 -15.59 12.46
CA LEU B 82 -9.84 -14.82 13.07
C LEU B 82 -9.55 -15.38 14.46
N ILE B 83 -8.30 -15.76 14.71
CA ILE B 83 -7.91 -16.33 15.99
C ILE B 83 -7.49 -15.26 16.99
N GLU B 84 -6.55 -14.39 16.62
CA GLU B 84 -6.14 -13.33 17.53
C GLU B 84 -5.44 -12.23 16.76
N GLU B 85 -5.33 -11.07 17.40
CA GLU B 85 -4.80 -9.85 16.80
C GLU B 85 -3.58 -9.39 17.60
N MET B 86 -2.51 -9.05 16.90
CA MET B 86 -1.34 -8.43 17.51
C MET B 86 -1.02 -7.14 16.75
N ASP B 87 -1.12 -6.01 17.44
CA ASP B 87 -0.91 -4.71 16.82
C ASP B 87 0.45 -4.17 17.25
N VAL B 88 1.24 -3.74 16.28
CA VAL B 88 2.54 -3.11 16.54
C VAL B 88 2.54 -1.82 15.74
N PRO B 89 3.52 -0.92 15.91
CA PRO B 89 3.45 0.34 15.15
C PRO B 89 3.52 0.14 13.64
N THR B 90 4.39 -0.77 13.19
CA THR B 90 4.65 -0.94 11.77
C THR B 90 3.60 -1.78 11.06
N GLU B 91 3.08 -2.83 11.70
CA GLU B 91 2.14 -3.70 11.03
C GLU B 91 1.03 -4.14 11.98
N LEU B 92 0.01 -4.76 11.39
CA LEU B 92 -1.03 -5.45 12.13
C LEU B 92 -0.96 -6.92 11.80
N TYR B 93 -0.85 -7.76 12.83
CA TYR B 93 -0.70 -9.20 12.67
C TYR B 93 -2.00 -9.87 13.09
N LEU B 94 -2.58 -10.67 12.19
CA LEU B 94 -3.80 -11.41 12.46
C LEU B 94 -3.50 -12.89 12.32
N VAL B 95 -3.66 -13.63 13.41
CA VAL B 95 -3.57 -15.09 13.38
C VAL B 95 -4.95 -15.61 12.98
N MET B 96 -5.01 -16.32 11.87
CA MET B 96 -6.27 -16.75 11.31
C MET B 96 -6.21 -18.22 10.93
N GLU B 97 -7.39 -18.80 10.69
CA GLU B 97 -7.47 -20.18 10.24
C GLU B 97 -6.75 -20.35 8.92
N LEU B 98 -6.08 -21.49 8.78
CA LEU B 98 -5.45 -21.86 7.53
C LEU B 98 -6.37 -22.82 6.78
N VAL B 99 -6.67 -22.48 5.53
CA VAL B 99 -7.39 -23.33 4.60
C VAL B 99 -6.35 -23.86 3.62
N LYS B 100 -6.13 -25.17 3.62
CA LYS B 100 -4.97 -25.70 2.94
C LYS B 100 -5.17 -25.92 1.45
N GLY B 101 -6.34 -25.63 0.92
CA GLY B 101 -6.59 -25.74 -0.50
C GLY B 101 -6.01 -24.65 -1.39
N GLY B 102 -6.08 -23.38 -0.97
CA GLY B 102 -5.76 -22.26 -1.83
C GLY B 102 -7.01 -21.56 -2.36
N ASP B 103 -6.79 -20.41 -3.00
CA ASP B 103 -7.94 -19.60 -3.38
C ASP B 103 -8.59 -20.10 -4.67
N LEU B 104 -9.87 -19.76 -4.82
CA LEU B 104 -10.66 -20.18 -5.96
C LEU B 104 -10.18 -19.55 -7.26
N PHE B 105 -9.59 -18.35 -7.21
CA PHE B 105 -9.13 -17.69 -8.43
C PHE B 105 -8.10 -18.55 -9.15
N ASP B 106 -7.11 -19.05 -8.41
CA ASP B 106 -6.11 -19.93 -9.02
C ASP B 106 -6.74 -21.25 -9.47
N ALA B 107 -7.71 -21.75 -8.73
CA ALA B 107 -8.38 -22.99 -9.10
C ALA B 107 -9.15 -22.84 -10.41
N ILE B 108 -9.78 -21.68 -10.62
CA ILE B 108 -10.49 -21.45 -11.87
C ILE B 108 -9.52 -21.29 -13.03
N THR B 109 -8.33 -20.75 -12.78
CA THR B 109 -7.33 -20.67 -13.84
C THR B 109 -6.79 -22.05 -14.20
N SER B 110 -6.60 -22.92 -13.20
CA SER B 110 -6.04 -24.24 -13.46
C SER B 110 -7.08 -25.16 -14.11
N THR B 111 -8.32 -25.07 -13.67
CA THR B 111 -9.40 -25.90 -14.16
C THR B 111 -10.24 -25.07 -15.12
N ASN B 112 -10.43 -25.56 -16.35
CA ASN B 112 -11.23 -24.84 -17.33
C ASN B 112 -12.59 -24.44 -16.73
N LYS B 113 -13.34 -25.44 -16.26
CA LYS B 113 -14.68 -25.23 -15.74
C LYS B 113 -14.98 -26.33 -14.73
N TYR B 114 -16.11 -26.19 -14.04
CA TYR B 114 -16.52 -27.14 -13.01
C TYR B 114 -17.80 -27.85 -13.40
N THR B 115 -18.03 -28.99 -12.75
CA THR B 115 -19.28 -29.72 -12.91
C THR B 115 -20.41 -29.03 -12.16
N GLU B 116 -21.65 -29.41 -12.49
CA GLU B 116 -22.79 -28.89 -11.75
C GLU B 116 -22.81 -29.42 -10.33
N ARG B 117 -22.35 -30.66 -10.11
CA ARG B 117 -22.30 -31.20 -8.76
C ARG B 117 -21.31 -30.44 -7.90
N ASP B 118 -20.11 -30.15 -8.43
CA ASP B 118 -19.12 -29.40 -7.68
C ASP B 118 -19.54 -27.95 -7.47
N ALA B 119 -20.00 -27.29 -8.54
CA ALA B 119 -20.41 -25.90 -8.44
C ALA B 119 -21.57 -25.73 -7.47
N SER B 120 -22.49 -26.69 -7.44
CA SER B 120 -23.64 -26.57 -6.56
C SER B 120 -23.23 -26.64 -5.09
N GLY B 121 -22.27 -27.52 -4.77
CA GLY B 121 -21.79 -27.59 -3.41
C GLY B 121 -21.00 -26.34 -3.01
N MET B 122 -20.24 -25.79 -3.96
CA MET B 122 -19.50 -24.57 -3.69
C MET B 122 -20.44 -23.39 -3.48
N LEU B 123 -21.50 -23.30 -4.29
CA LEU B 123 -22.49 -22.27 -4.06
C LEU B 123 -23.23 -22.49 -2.74
N TYR B 124 -23.40 -23.75 -2.34
CA TYR B 124 -24.03 -24.01 -1.05
C TYR B 124 -23.21 -23.45 0.09
N ASN B 125 -21.88 -23.61 0.02
CA ASN B 125 -21.02 -23.08 1.06
C ASN B 125 -21.04 -21.56 1.07
N LEU B 126 -20.89 -20.96 -0.11
CA LEU B 126 -20.88 -19.50 -0.21
C LEU B 126 -22.19 -18.90 0.27
N ALA B 127 -23.32 -19.47 -0.18
CA ALA B 127 -24.62 -18.96 0.24
C ALA B 127 -24.85 -19.13 1.74
N SER B 128 -24.28 -20.18 2.33
CA SER B 128 -24.37 -20.36 3.78
C SER B 128 -23.61 -19.25 4.51
N ALA B 129 -22.39 -18.95 4.06
CA ALA B 129 -21.63 -17.86 4.67
C ALA B 129 -22.35 -16.53 4.49
N ILE B 130 -22.89 -16.29 3.29
CA ILE B 130 -23.60 -15.04 3.04
C ILE B 130 -24.87 -14.96 3.88
N LYS B 131 -25.63 -16.06 3.97
CA LYS B 131 -26.83 -16.06 4.78
C LYS B 131 -26.51 -15.74 6.24
N TYR B 132 -25.43 -16.30 6.76
CA TYR B 132 -25.03 -15.98 8.13
C TYR B 132 -24.62 -14.52 8.26
N LEU B 133 -23.82 -14.02 7.32
CA LEU B 133 -23.39 -12.63 7.38
C LEU B 133 -24.58 -11.68 7.30
N HIS B 134 -25.50 -11.94 6.37
CA HIS B 134 -26.66 -11.07 6.24
C HIS B 134 -27.57 -11.13 7.45
N SER B 135 -27.59 -12.26 8.17
CA SER B 135 -28.35 -12.30 9.41
C SER B 135 -27.74 -11.40 10.48
N LEU B 136 -26.45 -11.09 10.37
CA LEU B 136 -25.80 -10.11 11.22
C LEU B 136 -25.84 -8.71 10.61
N ASN B 137 -26.53 -8.56 9.47
CA ASN B 137 -26.61 -7.29 8.75
C ASN B 137 -25.26 -6.82 8.25
N ILE B 138 -24.37 -7.77 7.93
CA ILE B 138 -23.05 -7.48 7.38
C ILE B 138 -23.09 -7.74 5.88
N VAL B 139 -22.67 -6.75 5.09
CA VAL B 139 -22.45 -6.91 3.66
C VAL B 139 -20.97 -7.08 3.42
N HIS B 140 -20.60 -8.08 2.60
CA HIS B 140 -19.18 -8.34 2.37
C HIS B 140 -18.57 -7.32 1.40
N ARG B 141 -19.21 -7.10 0.25
CA ARG B 141 -18.85 -6.11 -0.77
C ARG B 141 -17.59 -6.48 -1.54
N ASP B 142 -17.01 -7.65 -1.32
CA ASP B 142 -15.82 -8.05 -2.05
C ASP B 142 -15.81 -9.54 -2.33
N ILE B 143 -16.98 -10.13 -2.56
CA ILE B 143 -17.09 -11.55 -2.82
C ILE B 143 -16.62 -11.80 -4.26
N LYS B 144 -15.50 -12.48 -4.40
CA LYS B 144 -14.89 -12.75 -5.70
C LYS B 144 -13.95 -13.94 -5.53
N PRO B 145 -13.54 -14.58 -6.64
CA PRO B 145 -12.73 -15.79 -6.52
C PRO B 145 -11.42 -15.59 -5.75
N GLU B 146 -10.81 -14.42 -5.83
CA GLU B 146 -9.56 -14.20 -5.10
C GLU B 146 -9.75 -14.22 -3.59
N ASN B 147 -10.97 -13.96 -3.10
CA ASN B 147 -11.24 -13.93 -1.68
C ASN B 147 -11.96 -15.19 -1.20
N LEU B 148 -12.05 -16.23 -2.02
CA LEU B 148 -12.64 -17.51 -1.65
C LEU B 148 -11.57 -18.58 -1.63
N LEU B 149 -11.64 -19.47 -0.64
CA LEU B 149 -10.68 -20.54 -0.47
C LEU B 149 -11.38 -21.89 -0.54
N VAL B 150 -10.77 -22.83 -1.26
CA VAL B 150 -11.37 -24.15 -1.49
C VAL B 150 -11.02 -25.15 -0.38
N SER B 159 -15.19 -27.72 -1.30
CA SER B 159 -15.85 -26.76 -0.41
C SER B 159 -15.31 -25.34 -0.59
N LEU B 160 -15.97 -24.35 0.01
CA LEU B 160 -15.52 -22.97 -0.05
C LEU B 160 -15.52 -22.33 1.33
N LYS B 161 -14.53 -21.45 1.56
CA LYS B 161 -14.51 -20.55 2.70
C LYS B 161 -14.32 -19.13 2.20
N LEU B 162 -15.11 -18.20 2.73
CA LEU B 162 -15.04 -16.80 2.35
C LEU B 162 -14.12 -16.06 3.30
N GLY B 163 -13.20 -15.27 2.73
CA GLY B 163 -12.30 -14.45 3.53
C GLY B 163 -12.22 -13.01 3.05
N ASP B 164 -11.26 -12.26 3.63
CA ASP B 164 -10.96 -10.88 3.25
C ASP B 164 -12.14 -9.95 3.50
N PHE B 165 -12.30 -9.50 4.74
CA PHE B 165 -13.39 -8.60 5.12
C PHE B 165 -12.96 -7.14 5.15
N GLY B 166 -11.95 -6.78 4.34
CA GLY B 166 -11.47 -5.41 4.34
C GLY B 166 -12.51 -4.39 3.93
N LEU B 167 -13.47 -4.78 3.10
CA LEU B 167 -14.53 -3.89 2.66
C LEU B 167 -15.86 -4.15 3.36
N ALA B 168 -15.93 -5.14 4.24
CA ALA B 168 -17.20 -5.47 4.89
C ALA B 168 -17.66 -4.33 5.78
N THR B 169 -18.98 -4.15 5.86
CA THR B 169 -19.56 -3.09 6.67
C THR B 169 -20.99 -3.47 7.04
N ILE B 170 -21.49 -2.80 8.07
CA ILE B 170 -22.84 -3.06 8.59
C ILE B 170 -23.84 -2.24 7.79
N VAL B 171 -24.92 -2.89 7.35
CA VAL B 171 -25.97 -2.24 6.57
C VAL B 171 -27.06 -1.80 7.54
N ASP B 172 -27.03 -0.52 7.92
CA ASP B 172 -28.07 0.10 8.73
C ASP B 172 -28.75 1.21 7.96
N GLY B 173 -28.91 1.00 6.66
CA GLY B 173 -29.37 2.02 5.75
C GLY B 173 -28.63 1.91 4.44
N PRO B 174 -29.09 2.65 3.42
CA PRO B 174 -28.51 2.49 2.08
C PRO B 174 -27.04 2.88 2.06
N LEU B 175 -26.25 2.10 1.32
CA LEU B 175 -24.85 2.39 1.10
C LEU B 175 -24.67 2.96 -0.30
N TYR B 176 -23.61 3.76 -0.48
CA TYR B 176 -23.37 4.41 -1.76
C TYR B 176 -21.93 4.31 -2.24
N THR B 177 -20.99 3.87 -1.40
CA THR B 177 -19.59 3.85 -1.80
C THR B 177 -19.35 2.79 -2.86
N VAL B 178 -18.75 3.21 -3.98
CA VAL B 178 -18.41 2.28 -5.06
C VAL B 178 -17.14 1.54 -4.68
N CYS B 179 -17.20 0.22 -4.69
CA CYS B 179 -16.03 -0.58 -4.37
C CYS B 179 -16.24 -1.99 -4.91
N GLY B 180 -15.18 -2.79 -4.82
CA GLY B 180 -15.21 -4.13 -5.37
C GLY B 180 -14.67 -4.19 -6.78
N THR B 181 -14.46 -5.42 -7.24
CA THR B 181 -13.98 -5.66 -8.60
C THR B 181 -15.14 -5.57 -9.59
N PRO B 182 -15.01 -4.79 -10.66
CA PRO B 182 -16.18 -4.49 -11.51
C PRO B 182 -16.90 -5.71 -12.06
N THR B 183 -16.19 -6.81 -12.33
CA THR B 183 -16.84 -8.00 -12.87
C THR B 183 -17.97 -8.49 -11.97
N TYR B 184 -17.83 -8.32 -10.67
CA TYR B 184 -18.77 -8.87 -9.69
C TYR B 184 -19.66 -7.80 -9.06
N VAL B 185 -19.52 -6.54 -9.47
CA VAL B 185 -20.24 -5.44 -8.85
C VAL B 185 -21.69 -5.42 -9.34
N ALA B 186 -22.63 -5.32 -8.41
CA ALA B 186 -24.04 -5.28 -8.74
C ALA B 186 -24.39 -3.95 -9.41
N PRO B 187 -25.43 -3.93 -10.26
CA PRO B 187 -25.73 -2.69 -11.00
C PRO B 187 -26.16 -1.52 -10.13
N GLU B 188 -26.81 -1.76 -8.99
CA GLU B 188 -27.21 -0.66 -8.13
C GLU B 188 -26.00 0.06 -7.54
N ILE B 189 -24.87 -0.63 -7.37
CA ILE B 189 -23.66 0.03 -6.94
C ILE B 189 -23.16 0.97 -8.02
N ILE B 190 -23.18 0.51 -9.27
CA ILE B 190 -22.78 1.36 -10.39
C ILE B 190 -23.75 2.52 -10.55
N ALA B 191 -25.05 2.25 -10.37
CA ALA B 191 -26.05 3.30 -10.49
C ALA B 191 -25.96 4.33 -9.37
N GLU B 192 -25.34 3.96 -8.25
CA GLU B 192 -25.15 4.87 -7.12
C GLU B 192 -26.49 5.39 -6.58
N THR B 193 -27.51 4.54 -6.64
CA THR B 193 -28.84 4.86 -6.13
C THR B 193 -29.10 4.27 -4.75
N GLY B 194 -28.12 3.62 -4.16
CA GLY B 194 -28.29 3.02 -2.84
C GLY B 194 -28.30 1.51 -2.96
N TYR B 195 -27.61 0.85 -2.04
CA TYR B 195 -27.50 -0.61 -2.09
C TYR B 195 -27.37 -1.17 -0.69
N GLY B 196 -27.68 -2.45 -0.58
CA GLY B 196 -27.63 -3.17 0.69
C GLY B 196 -27.03 -4.56 0.57
N LEU B 197 -27.59 -5.49 1.35
CA LEU B 197 -27.01 -6.83 1.46
C LEU B 197 -26.96 -7.55 0.12
N LYS B 198 -27.94 -7.31 -0.75
CA LYS B 198 -28.10 -8.15 -1.94
C LYS B 198 -27.04 -7.95 -3.01
N VAL B 199 -26.08 -7.03 -2.83
CA VAL B 199 -24.96 -6.99 -3.76
C VAL B 199 -24.12 -8.26 -3.64
N ASP B 200 -24.13 -8.90 -2.46
CA ASP B 200 -23.41 -10.16 -2.29
C ASP B 200 -24.02 -11.27 -3.14
N ILE B 201 -25.35 -11.30 -3.26
CA ILE B 201 -26.01 -12.34 -4.06
C ILE B 201 -25.62 -12.19 -5.52
N TRP B 202 -25.62 -10.95 -6.03
CA TRP B 202 -25.21 -10.71 -7.41
C TRP B 202 -23.80 -11.22 -7.65
N ALA B 203 -22.87 -10.91 -6.74
CA ALA B 203 -21.50 -11.39 -6.88
C ALA B 203 -21.43 -12.91 -6.84
N ALA B 204 -22.23 -13.53 -5.97
CA ALA B 204 -22.28 -14.98 -5.93
C ALA B 204 -22.86 -15.55 -7.23
N GLY B 205 -23.85 -14.86 -7.80
CA GLY B 205 -24.37 -15.29 -9.09
C GLY B 205 -23.33 -15.22 -10.20
N VAL B 206 -22.52 -14.17 -10.19
CA VAL B 206 -21.44 -14.05 -11.17
C VAL B 206 -20.41 -15.16 -10.98
N ILE B 207 -20.10 -15.49 -9.73
CA ILE B 207 -19.12 -16.54 -9.46
C ILE B 207 -19.66 -17.90 -9.91
N THR B 208 -20.91 -18.21 -9.55
CA THR B 208 -21.53 -19.45 -10.00
C THR B 208 -21.51 -19.54 -11.51
N TYR B 209 -21.82 -18.44 -12.20
CA TYR B 209 -21.81 -18.41 -13.66
C TYR B 209 -20.43 -18.77 -14.21
N ILE B 210 -19.36 -18.21 -13.61
CA ILE B 210 -18.01 -18.55 -14.06
C ILE B 210 -17.70 -20.00 -13.80
N LEU B 211 -18.15 -20.53 -12.65
CA LEU B 211 -17.87 -21.92 -12.32
C LEU B 211 -18.47 -22.87 -13.36
N LEU B 212 -19.67 -22.57 -13.85
CA LEU B 212 -20.36 -23.47 -14.76
C LEU B 212 -19.87 -23.36 -16.20
N CYS B 213 -19.25 -22.24 -16.60
CA CYS B 213 -18.81 -22.08 -17.98
C CYS B 213 -17.42 -21.52 -18.16
N GLY B 214 -16.82 -20.90 -17.14
CA GLY B 214 -15.45 -20.44 -17.22
C GLY B 214 -15.23 -19.01 -17.67
N PHE B 215 -16.29 -18.24 -17.91
CA PHE B 215 -16.14 -16.84 -18.26
C PHE B 215 -17.25 -16.03 -17.60
N PRO B 216 -17.04 -14.74 -17.37
CA PRO B 216 -18.04 -13.93 -16.67
C PRO B 216 -19.22 -13.60 -17.56
N PRO B 217 -20.41 -13.40 -16.99
CA PRO B 217 -21.58 -13.05 -17.83
C PRO B 217 -21.48 -11.67 -18.43
N PHE B 218 -20.79 -10.74 -17.77
CA PHE B 218 -20.60 -9.38 -18.26
C PHE B 218 -19.10 -9.16 -18.42
N ARG B 219 -18.65 -8.94 -19.66
CA ARG B 219 -17.23 -8.94 -19.96
C ARG B 219 -16.67 -7.62 -20.47
N GLY B 220 -17.51 -6.71 -20.96
CA GLY B 220 -16.99 -5.40 -21.34
C GLY B 220 -16.04 -5.47 -22.53
N SER B 221 -15.12 -4.51 -22.58
CA SER B 221 -14.18 -4.42 -23.69
C SER B 221 -12.79 -4.91 -23.28
N GLN B 225 -13.61 0.43 -19.72
CA GLN B 225 -14.26 -0.04 -18.49
C GLN B 225 -15.69 0.49 -18.42
N GLU B 226 -16.01 1.48 -19.25
CA GLU B 226 -17.38 1.96 -19.33
C GLU B 226 -18.26 0.98 -20.08
N VAL B 227 -17.66 0.17 -20.97
CA VAL B 227 -18.42 -0.85 -21.69
C VAL B 227 -18.97 -1.88 -20.72
N LEU B 228 -18.15 -2.33 -19.78
CA LEU B 228 -18.58 -3.33 -18.81
C LEU B 228 -19.71 -2.80 -17.93
N PHE B 229 -19.63 -1.53 -17.54
CA PHE B 229 -20.64 -0.97 -16.64
C PHE B 229 -22.00 -0.88 -17.34
N ASP B 230 -22.03 -0.46 -18.60
CA ASP B 230 -23.30 -0.43 -19.33
C ASP B 230 -23.86 -1.84 -19.53
N GLN B 231 -22.98 -2.83 -19.64
CA GLN B 231 -23.42 -4.21 -19.71
C GLN B 231 -24.06 -4.64 -18.40
N ILE B 232 -23.43 -4.31 -17.28
CA ILE B 232 -23.97 -4.63 -15.96
C ILE B 232 -25.29 -3.91 -15.73
N LEU B 233 -25.37 -2.63 -16.13
CA LEU B 233 -26.58 -1.86 -15.91
C LEU B 233 -27.77 -2.46 -16.65
N MET B 234 -27.55 -2.93 -17.89
CA MET B 234 -28.62 -3.61 -18.60
C MET B 234 -28.91 -4.97 -17.99
N GLY B 235 -27.87 -5.67 -17.52
CA GLY B 235 -28.06 -6.92 -16.80
C GLY B 235 -28.72 -8.02 -17.60
N GLN B 236 -28.44 -8.11 -18.90
CA GLN B 236 -28.99 -9.15 -19.75
C GLN B 236 -28.11 -10.38 -19.64
N VAL B 237 -28.57 -11.39 -18.92
CA VAL B 237 -27.81 -12.61 -18.73
C VAL B 237 -28.21 -13.62 -19.79
N ASP B 238 -27.26 -13.97 -20.65
CA ASP B 238 -27.44 -15.02 -21.64
C ASP B 238 -26.49 -16.17 -21.35
N PHE B 239 -26.91 -17.35 -21.76
CA PHE B 239 -26.14 -18.55 -21.55
C PHE B 239 -25.75 -19.04 -22.94
N PRO B 240 -24.69 -18.48 -23.52
CA PRO B 240 -24.44 -18.68 -24.95
C PRO B 240 -24.01 -20.09 -25.30
N SER B 241 -24.43 -20.53 -26.47
CA SER B 241 -24.02 -21.80 -27.05
C SER B 241 -22.66 -21.64 -27.71
N PRO B 242 -21.83 -22.70 -27.71
CA PRO B 242 -22.14 -24.04 -27.21
C PRO B 242 -21.76 -24.27 -25.75
N TYR B 243 -21.29 -23.21 -25.09
CA TYR B 243 -20.74 -23.37 -23.74
C TYR B 243 -21.79 -23.84 -22.74
N TRP B 244 -23.04 -23.39 -22.90
CA TRP B 244 -24.09 -23.67 -21.93
C TRP B 244 -25.10 -24.72 -22.38
N ASP B 245 -24.77 -25.48 -23.44
CA ASP B 245 -25.76 -26.41 -24.00
C ASP B 245 -26.05 -27.56 -23.05
N ASN B 246 -25.03 -28.03 -22.32
CA ASN B 246 -25.17 -29.17 -21.42
C ASN B 246 -25.55 -28.77 -20.00
N VAL B 247 -25.63 -27.48 -19.70
CA VAL B 247 -25.97 -27.04 -18.34
C VAL B 247 -27.47 -27.14 -18.15
N SER B 248 -27.88 -27.62 -16.98
CA SER B 248 -29.29 -27.86 -16.70
C SER B 248 -30.07 -26.55 -16.71
N ASP B 249 -31.38 -26.67 -16.99
CA ASP B 249 -32.26 -25.51 -16.91
C ASP B 249 -32.39 -25.01 -15.49
N SER B 250 -32.28 -25.91 -14.50
CA SER B 250 -32.37 -25.51 -13.10
C SER B 250 -31.26 -24.51 -12.75
N ALA B 251 -30.04 -24.78 -13.18
CA ALA B 251 -28.93 -23.88 -12.88
C ALA B 251 -29.12 -22.53 -13.54
N LYS B 252 -29.58 -22.53 -14.80
CA LYS B 252 -29.78 -21.26 -15.52
C LYS B 252 -30.87 -20.42 -14.86
N GLU B 253 -31.90 -21.09 -14.31
CA GLU B 253 -32.94 -20.35 -13.62
C GLU B 253 -32.42 -19.73 -12.33
N LEU B 254 -31.64 -20.47 -11.56
CA LEU B 254 -31.13 -19.95 -10.30
C LEU B 254 -30.22 -18.76 -10.53
N ILE B 255 -29.28 -18.88 -11.46
CA ILE B 255 -28.39 -17.76 -11.78
C ILE B 255 -29.21 -16.56 -12.23
N THR B 256 -30.29 -16.81 -12.98
CA THR B 256 -31.17 -15.73 -13.41
C THR B 256 -31.78 -15.01 -12.20
N MET B 257 -32.23 -15.77 -11.20
CA MET B 257 -32.81 -15.15 -10.02
C MET B 257 -31.76 -14.46 -9.15
N MET B 258 -30.50 -14.88 -9.23
CA MET B 258 -29.45 -14.21 -8.48
C MET B 258 -28.96 -12.93 -9.17
N LEU B 259 -29.08 -12.86 -10.50
CA LEU B 259 -28.56 -11.73 -11.26
C LEU B 259 -29.67 -10.82 -11.79
N LEU B 260 -30.80 -10.74 -11.08
CA LEU B 260 -31.85 -9.82 -11.46
C LEU B 260 -31.47 -8.41 -11.03
N VAL B 261 -31.63 -7.47 -11.96
CA VAL B 261 -31.31 -6.08 -11.66
C VAL B 261 -32.24 -5.52 -10.60
N ASP B 262 -33.51 -5.92 -10.61
CA ASP B 262 -34.46 -5.44 -9.62
C ASP B 262 -34.12 -6.06 -8.27
N VAL B 263 -33.70 -5.22 -7.31
CA VAL B 263 -33.14 -5.73 -6.07
C VAL B 263 -34.19 -6.47 -5.25
N ASP B 264 -35.45 -6.06 -5.32
CA ASP B 264 -36.50 -6.74 -4.55
C ASP B 264 -36.73 -8.14 -5.10
N GLN B 265 -36.74 -8.28 -6.43
CA GLN B 265 -37.01 -9.53 -7.12
C GLN B 265 -35.83 -10.50 -7.04
N ARG B 266 -34.61 -9.96 -6.87
CA ARG B 266 -33.42 -10.79 -6.74
C ARG B 266 -33.49 -11.68 -5.50
N PHE B 267 -32.99 -12.92 -5.65
CA PHE B 267 -32.96 -13.88 -4.55
C PHE B 267 -32.17 -13.35 -3.36
N SER B 268 -32.67 -13.63 -2.16
CA SER B 268 -31.87 -13.47 -0.96
C SER B 268 -30.95 -14.69 -0.80
N ALA B 269 -30.06 -14.61 0.20
CA ALA B 269 -29.21 -15.74 0.50
C ALA B 269 -30.03 -16.95 0.96
N VAL B 270 -31.11 -16.70 1.71
CA VAL B 270 -32.00 -17.78 2.11
C VAL B 270 -32.63 -18.45 0.88
N GLN B 271 -33.13 -17.63 -0.04
CA GLN B 271 -33.78 -18.17 -1.24
C GLN B 271 -32.82 -18.97 -2.10
N VAL B 272 -31.55 -18.56 -2.16
CA VAL B 272 -30.56 -19.35 -2.91
C VAL B 272 -30.39 -20.72 -2.26
N LEU B 273 -30.34 -20.77 -0.93
CA LEU B 273 -30.14 -22.03 -0.24
C LEU B 273 -31.35 -22.96 -0.38
N GLU B 274 -32.56 -22.40 -0.45
CA GLU B 274 -33.76 -23.20 -0.63
C GLU B 274 -33.94 -23.70 -2.06
N HIS B 275 -33.20 -23.14 -3.02
CA HIS B 275 -33.39 -23.51 -4.42
C HIS B 275 -32.97 -24.95 -4.65
N PRO B 276 -33.69 -25.69 -5.50
CA PRO B 276 -33.36 -27.11 -5.72
C PRO B 276 -31.93 -27.35 -6.20
N TRP B 277 -31.36 -26.44 -7.00
CA TRP B 277 -30.04 -26.70 -7.58
C TRP B 277 -28.94 -26.76 -6.53
N VAL B 278 -29.11 -26.05 -5.41
CA VAL B 278 -28.19 -26.18 -4.28
C VAL B 278 -28.49 -27.38 -3.39
N ASN B 279 -29.70 -27.90 -3.39
CA ASN B 279 -29.94 -29.11 -2.64
C ASN B 279 -29.84 -30.35 -3.53
#